data_6DQI
#
_entry.id   6DQI
#
_cell.length_a   39.546
_cell.length_b   41.485
_cell.length_c   188.950
_cell.angle_alpha   90.00
_cell.angle_beta   90.00
_cell.angle_gamma   90.00
#
_symmetry.space_group_name_H-M   'P 21 21 21'
#
loop_
_entity.id
_entity.type
_entity.pdbx_description
1 polymer 'FMN reductase (NADPH)'
2 non-polymer 'SULFATE ION'
3 water water
#
_entity_poly.entity_id   1
_entity_poly.type   'polypeptide(L)'
_entity_poly.pdbx_seq_one_letter_code
;MRVITLAGSPRFPSRSSSLLEYAREKLNGLDVEVYHWNLQNFAPEDLLYARFDSPALKTFTEQLQQADGLIVATPVYKAA
YSGALKTLLDLLPERALQGKVVLPLATGGTVAHLLAVDAALKPVLSALKAQEILHGVFADDSQVIDYHHRPQFTPNLQTR
LDTALETFWQALHRRDVQVPDLLSLRGNAHA
;
_entity_poly.pdbx_strand_id   A,B
#
loop_
_chem_comp.id
_chem_comp.type
_chem_comp.name
_chem_comp.formula
SO4 non-polymer 'SULFATE ION' 'O4 S -2'
#
# COMPACT_ATOMS: atom_id res chain seq x y z
N MET A 1 27.05 -7.64 -12.67
CA MET A 1 25.61 -7.48 -12.46
C MET A 1 25.29 -7.60 -10.97
N ARG A 2 24.44 -6.73 -10.47
CA ARG A 2 24.01 -6.78 -9.09
C ARG A 2 22.50 -6.67 -9.05
N VAL A 3 21.89 -7.39 -8.13
CA VAL A 3 20.45 -7.43 -8.01
C VAL A 3 20.03 -7.21 -6.56
N ILE A 4 18.94 -6.49 -6.40
CA ILE A 4 18.26 -6.29 -5.11
C ILE A 4 17.07 -7.24 -5.08
N THR A 5 16.90 -7.94 -3.99
CA THR A 5 15.68 -8.69 -3.70
C THR A 5 15.02 -8.11 -2.46
N LEU A 6 13.70 -7.93 -2.53
CA LEU A 6 12.96 -7.27 -1.46
C LEU A 6 11.72 -8.12 -1.16
N ALA A 7 11.67 -8.67 0.04
CA ALA A 7 10.46 -9.36 0.50
C ALA A 7 9.49 -8.37 1.14
N GLY A 8 8.24 -8.36 0.68
CA GLY A 8 7.25 -7.38 1.14
C GLY A 8 6.21 -7.99 2.04
N SER A 9 6.55 -9.01 2.68
CA SER A 9 5.60 -9.63 3.56
C SER A 9 5.69 -9.02 4.96
N PRO A 10 4.59 -8.91 5.69
CA PRO A 10 4.67 -8.44 7.08
C PRO A 10 5.33 -9.41 8.01
N ARG A 11 5.50 -10.67 7.62
CA ARG A 11 6.13 -11.69 8.46
C ARG A 11 7.49 -12.14 7.90
N PHE A 12 8.35 -12.61 8.78
CA PHE A 12 9.62 -13.23 8.37
C PHE A 12 9.84 -14.47 9.23
N PRO A 13 10.13 -15.64 8.63
CA PRO A 13 10.14 -15.86 7.20
C PRO A 13 8.73 -15.85 6.63
N SER A 14 8.66 -15.88 5.30
CA SER A 14 7.40 -15.79 4.59
C SER A 14 7.52 -16.62 3.33
N ARG A 15 6.38 -16.85 2.68
CA ARG A 15 6.44 -17.41 1.33
C ARG A 15 7.23 -16.48 0.41
N SER A 16 7.00 -15.17 0.50
CA SER A 16 7.74 -14.19 -0.28
C SER A 16 9.24 -14.34 -0.08
N SER A 17 9.68 -14.45 1.16
CA SER A 17 11.12 -14.48 1.37
C SER A 17 11.70 -15.81 0.92
N SER A 18 10.90 -16.89 0.97
CA SER A 18 11.40 -18.17 0.51
C SER A 18 11.60 -18.16 -1.01
N LEU A 19 10.68 -17.52 -1.76
CA LEU A 19 10.86 -17.34 -3.21
C LEU A 19 12.15 -16.58 -3.53
N LEU A 20 12.46 -15.55 -2.76
CA LEU A 20 13.68 -14.80 -2.98
C LEU A 20 14.94 -15.56 -2.54
N GLU A 21 14.88 -16.43 -1.55
CA GLU A 21 16.05 -17.26 -1.24
C GLU A 21 16.33 -18.24 -2.37
N TYR A 22 15.29 -18.78 -3.00
CA TYR A 22 15.51 -19.62 -4.17
C TYR A 22 16.14 -18.81 -5.29
N ALA A 23 15.65 -17.60 -5.52
CA ALA A 23 16.21 -16.75 -6.56
C ALA A 23 17.68 -16.44 -6.31
N ARG A 24 18.05 -16.17 -5.05
CA ARG A 24 19.44 -15.90 -4.70
C ARG A 24 20.35 -17.08 -4.93
N GLU A 25 19.87 -18.32 -4.69
CA GLU A 25 20.66 -19.50 -5.04
C GLU A 25 21.01 -19.50 -6.54
N LYS A 26 20.00 -19.36 -7.38
CA LYS A 26 20.23 -19.35 -8.83
C LYS A 26 21.15 -18.21 -9.24
N LEU A 27 20.91 -17.00 -8.71
CA LEU A 27 21.69 -15.81 -9.07
C LEU A 27 23.14 -15.90 -8.57
N ASN A 28 23.34 -16.47 -7.38
CA ASN A 28 24.69 -16.85 -6.93
C ASN A 28 25.40 -17.73 -7.96
N GLY A 29 24.69 -18.70 -8.52
CA GLY A 29 25.32 -19.54 -9.54
C GLY A 29 25.67 -18.79 -10.81
N LEU A 30 24.88 -17.76 -11.16
CA LEU A 30 25.09 -16.95 -12.36
C LEU A 30 26.02 -15.77 -12.12
N ASP A 31 26.69 -15.73 -10.97
CA ASP A 31 27.71 -14.74 -10.66
C ASP A 31 27.09 -13.34 -10.63
N VAL A 32 25.90 -13.25 -10.05
CA VAL A 32 25.21 -11.98 -9.82
C VAL A 32 25.28 -11.72 -8.32
N GLU A 33 25.81 -10.56 -7.93
CA GLU A 33 25.85 -10.20 -6.52
C GLU A 33 24.46 -9.77 -6.09
N VAL A 34 23.96 -10.34 -4.99
CA VAL A 34 22.59 -10.09 -4.53
C VAL A 34 22.63 -9.38 -3.19
N TYR A 35 21.89 -8.28 -3.08
CA TYR A 35 21.57 -7.63 -1.81
C TYR A 35 20.12 -7.96 -1.45
N HIS A 36 19.90 -8.65 -0.34
CA HIS A 36 18.59 -9.13 0.03
C HIS A 36 18.05 -8.39 1.24
N TRP A 37 16.84 -7.89 1.11
CA TRP A 37 16.21 -7.09 2.12
C TRP A 37 14.83 -7.63 2.40
N ASN A 38 14.41 -7.48 3.65
CA ASN A 38 13.02 -7.66 4.00
C ASN A 38 12.59 -6.50 4.87
N LEU A 39 11.28 -6.37 5.07
CA LEU A 39 10.76 -5.20 5.76
C LEU A 39 11.17 -5.19 7.22
N GLN A 40 11.55 -6.34 7.77
CA GLN A 40 12.01 -6.37 9.15
C GLN A 40 13.46 -5.87 9.29
N ASN A 41 14.10 -5.46 8.21
CA ASN A 41 15.38 -4.76 8.26
C ASN A 41 15.23 -3.27 8.57
N PHE A 42 14.00 -2.74 8.66
CA PHE A 42 13.76 -1.33 8.86
C PHE A 42 13.03 -1.11 10.18
N ALA A 43 13.21 0.05 10.78
CA ALA A 43 12.46 0.41 11.97
C ALA A 43 10.99 0.62 11.57
N PRO A 44 10.05 -0.06 12.22
CA PRO A 44 8.65 0.10 11.77
C PRO A 44 8.17 1.54 11.78
N GLU A 45 8.58 2.34 12.79
CA GLU A 45 8.21 3.76 12.83
C GLU A 45 8.71 4.52 11.63
N ASP A 46 9.87 4.13 11.10
CA ASP A 46 10.38 4.86 9.95
C ASP A 46 9.51 4.58 8.71
N LEU A 47 9.01 3.36 8.59
CA LEU A 47 8.14 3.01 7.47
C LEU A 47 6.77 3.66 7.63
N LEU A 48 6.11 3.43 8.77
CA LEU A 48 4.74 3.86 8.91
C LEU A 48 4.62 5.38 8.91
N TYR A 49 5.56 6.09 9.53
CA TYR A 49 5.50 7.55 9.64
C TYR A 49 6.40 8.25 8.63
N ALA A 50 6.84 7.52 7.60
CA ALA A 50 7.59 8.04 6.46
C ALA A 50 8.71 8.99 6.90
N ARG A 51 9.67 8.44 7.67
CA ARG A 51 10.89 9.14 8.08
C ARG A 51 12.05 8.78 7.17
N PHE A 52 12.49 9.75 6.36
CA PHE A 52 13.53 9.56 5.36
C PHE A 52 14.95 9.49 5.93
N ASP A 53 15.16 9.88 7.19
CA ASP A 53 16.50 9.84 7.76
C ASP A 53 16.80 8.49 8.41
N SER A 54 16.03 7.46 8.09
CA SER A 54 16.34 6.13 8.55
C SER A 54 17.75 5.72 8.06
N PRO A 55 18.56 5.13 8.93
CA PRO A 55 19.87 4.60 8.44
C PRO A 55 19.72 3.53 7.38
N ALA A 56 18.92 2.50 7.68
CA ALA A 56 18.69 1.42 6.75
C ALA A 56 18.17 1.93 5.41
N LEU A 57 17.31 2.96 5.42
CA LEU A 57 16.77 3.46 4.16
C LEU A 57 17.89 3.99 3.27
N LYS A 58 18.88 4.65 3.87
CA LYS A 58 20.01 5.18 3.11
C LYS A 58 20.81 4.06 2.46
N THR A 59 21.08 3.00 3.23
CA THR A 59 21.86 1.88 2.75
C THR A 59 21.09 1.11 1.68
N PHE A 60 19.77 0.94 1.86
CA PHE A 60 18.94 0.32 0.83
C PHE A 60 18.93 1.14 -0.44
N THR A 61 18.77 2.46 -0.32
CA THR A 61 18.73 3.32 -1.50
C THR A 61 20.08 3.34 -2.20
N GLU A 62 21.18 3.25 -1.44
CA GLU A 62 22.51 3.19 -2.04
C GLU A 62 22.71 1.90 -2.81
N GLN A 63 22.27 0.79 -2.25
CA GLN A 63 22.39 -0.51 -2.90
C GLN A 63 21.45 -0.61 -4.09
N LEU A 64 20.26 0.00 -4.02
CA LEU A 64 19.40 0.05 -5.19
C LEU A 64 20.04 0.85 -6.32
N GLN A 65 20.65 2.00 -6.00
CA GLN A 65 21.33 2.78 -7.04
C GLN A 65 22.39 1.95 -7.78
N GLN A 66 23.06 1.04 -7.08
CA GLN A 66 24.09 0.20 -7.69
C GLN A 66 23.54 -1.04 -8.37
N ALA A 67 22.26 -1.34 -8.20
CA ALA A 67 21.67 -2.56 -8.73
C ALA A 67 21.19 -2.37 -10.16
N ASP A 68 21.32 -3.43 -10.94
CA ASP A 68 20.79 -3.46 -12.30
C ASP A 68 19.34 -3.94 -12.35
N GLY A 69 18.91 -4.66 -11.34
CA GLY A 69 17.53 -5.07 -11.26
C GLY A 69 17.06 -5.34 -9.85
N LEU A 70 15.74 -5.55 -9.78
CA LEU A 70 15.00 -5.69 -8.54
C LEU A 70 14.04 -6.85 -8.68
N ILE A 71 14.09 -7.82 -7.77
CA ILE A 71 13.05 -8.84 -7.61
C ILE A 71 12.31 -8.49 -6.33
N VAL A 72 11.04 -8.15 -6.47
CA VAL A 72 10.23 -7.76 -5.34
C VAL A 72 9.10 -8.77 -5.22
N ALA A 73 8.81 -9.22 -4.01
CA ALA A 73 7.79 -10.24 -3.77
C ALA A 73 6.83 -9.76 -2.71
N THR A 74 5.53 -10.04 -2.92
CA THR A 74 4.50 -9.57 -1.98
C THR A 74 3.37 -10.59 -1.82
N PRO A 75 2.83 -10.76 -0.61
CA PRO A 75 1.53 -11.41 -0.51
C PRO A 75 0.46 -10.55 -1.16
N VAL A 76 -0.61 -11.17 -1.60
CA VAL A 76 -1.73 -10.43 -2.17
C VAL A 76 -2.71 -10.09 -1.05
N TYR A 77 -2.94 -8.79 -0.82
CA TYR A 77 -3.87 -8.35 0.22
C TYR A 77 -4.87 -7.36 -0.37
N LYS A 78 -6.17 -7.63 -0.21
CA LYS A 78 -7.22 -6.78 -0.77
C LYS A 78 -6.98 -6.47 -2.25
N ALA A 79 -6.68 -7.52 -3.02
CA ALA A 79 -6.52 -7.47 -4.47
C ALA A 79 -5.36 -6.56 -4.91
N ALA A 80 -4.37 -6.34 -4.05
CA ALA A 80 -3.25 -5.50 -4.41
C ALA A 80 -2.00 -5.99 -3.68
N TYR A 81 -0.92 -5.25 -3.84
CA TYR A 81 0.29 -5.49 -3.08
C TYR A 81 0.04 -5.19 -1.59
N SER A 82 0.94 -5.64 -0.74
CA SER A 82 0.84 -5.33 0.67
C SER A 82 1.13 -3.84 0.94
N GLY A 83 0.36 -3.29 1.84
CA GLY A 83 0.65 -1.95 2.35
C GLY A 83 2.02 -1.89 3.00
N ALA A 84 2.45 -2.99 3.63
CA ALA A 84 3.77 -2.99 4.27
C ALA A 84 4.85 -2.74 3.23
N LEU A 85 4.76 -3.42 2.10
CA LEU A 85 5.69 -3.17 1.01
C LEU A 85 5.57 -1.75 0.50
N LYS A 86 4.35 -1.26 0.34
CA LYS A 86 4.18 0.07 -0.23
C LYS A 86 4.76 1.15 0.67
N THR A 87 4.80 0.94 1.99
CA THR A 87 5.38 1.95 2.88
C THR A 87 6.85 2.19 2.55
N LEU A 88 7.58 1.14 2.23
CA LEU A 88 8.96 1.31 1.79
C LEU A 88 9.03 1.92 0.42
N LEU A 89 8.24 1.41 -0.53
CA LEU A 89 8.28 2.01 -1.85
C LEU A 89 8.02 3.52 -1.79
N ASP A 90 7.17 3.95 -0.86
CA ASP A 90 6.82 5.37 -0.75
C ASP A 90 7.99 6.22 -0.27
N LEU A 91 8.99 5.61 0.34
CA LEU A 91 10.15 6.32 0.84
C LEU A 91 11.29 6.40 -0.18
N LEU A 92 11.16 5.82 -1.37
CA LEU A 92 12.26 5.83 -2.33
C LEU A 92 12.29 7.12 -3.13
N PRO A 93 13.46 7.52 -3.61
CA PRO A 93 13.54 8.68 -4.52
C PRO A 93 12.63 8.53 -5.72
N GLU A 94 12.26 9.68 -6.30
CA GLU A 94 11.26 9.74 -7.37
C GLU A 94 11.59 8.87 -8.59
N ARG A 95 12.87 8.71 -8.93
CA ARG A 95 13.26 7.97 -10.13
C ARG A 95 14.08 6.73 -9.76
N ALA A 96 13.78 6.14 -8.60
CA ALA A 96 14.64 5.12 -7.99
C ALA A 96 14.82 3.87 -8.85
N LEU A 97 13.89 3.56 -9.76
CA LEU A 97 13.99 2.36 -10.59
C LEU A 97 14.42 2.69 -12.01
N GLN A 98 14.80 3.95 -12.29
CA GLN A 98 15.26 4.31 -13.62
C GLN A 98 16.48 3.45 -13.98
N GLY A 99 16.53 2.97 -15.22
CA GLY A 99 17.62 2.10 -15.62
C GLY A 99 17.47 0.63 -15.25
N LYS A 100 16.45 0.24 -14.48
CA LYS A 100 16.43 -1.07 -13.85
C LYS A 100 15.30 -1.95 -14.38
N VAL A 101 15.55 -3.31 -14.38
CA VAL A 101 14.57 -4.34 -14.68
C VAL A 101 13.92 -4.78 -13.36
N VAL A 102 12.60 -4.98 -13.37
CA VAL A 102 11.85 -5.40 -12.19
C VAL A 102 11.11 -6.69 -12.49
N LEU A 103 11.29 -7.69 -11.64
CA LEU A 103 10.52 -8.93 -11.65
C LEU A 103 9.62 -8.94 -10.43
N PRO A 104 8.32 -8.86 -10.59
CA PRO A 104 7.44 -8.91 -9.41
C PRO A 104 6.92 -10.33 -9.15
N LEU A 105 7.05 -10.82 -7.92
CA LEU A 105 6.47 -12.08 -7.49
C LEU A 105 5.32 -11.81 -6.53
N ALA A 106 4.27 -12.60 -6.62
CA ALA A 106 3.10 -12.47 -5.77
C ALA A 106 2.68 -13.82 -5.23
N THR A 107 2.34 -13.85 -3.95
CA THR A 107 1.94 -15.09 -3.28
C THR A 107 0.52 -14.95 -2.79
N GLY A 108 -0.24 -16.02 -2.83
CA GLY A 108 -1.63 -15.90 -2.41
C GLY A 108 -2.38 -17.18 -2.62
N GLY A 109 -3.67 -17.09 -2.35
CA GLY A 109 -4.49 -18.28 -2.34
C GLY A 109 -4.97 -18.71 -3.70
N THR A 110 -5.04 -17.79 -4.66
CA THR A 110 -5.54 -18.12 -5.99
C THR A 110 -4.94 -17.22 -7.05
N VAL A 111 -4.51 -17.83 -8.17
CA VAL A 111 -3.90 -17.10 -9.26
C VAL A 111 -4.89 -16.15 -9.89
N ALA A 112 -6.19 -16.34 -9.64
CA ALA A 112 -7.14 -15.39 -10.16
C ALA A 112 -6.79 -13.97 -9.72
N HIS A 113 -6.06 -13.79 -8.62
CA HIS A 113 -5.68 -12.46 -8.15
C HIS A 113 -4.48 -11.82 -8.86
N LEU A 114 -3.69 -12.58 -9.63
CA LEU A 114 -2.44 -12.03 -10.14
C LEU A 114 -2.70 -10.80 -11.02
N LEU A 115 -3.66 -10.89 -11.93
CA LEU A 115 -3.88 -9.78 -12.85
C LEU A 115 -4.18 -8.48 -12.10
N ALA A 116 -4.98 -8.56 -11.04
CA ALA A 116 -5.30 -7.35 -10.29
C ALA A 116 -4.06 -6.79 -9.61
N VAL A 117 -3.20 -7.66 -9.09
CA VAL A 117 -1.97 -7.22 -8.42
C VAL A 117 -0.98 -6.66 -9.42
N ASP A 118 -0.84 -7.31 -10.58
CA ASP A 118 -0.03 -6.71 -11.64
C ASP A 118 -0.56 -5.32 -11.96
N ALA A 119 -1.86 -5.21 -12.11
CA ALA A 119 -2.42 -3.92 -12.47
C ALA A 119 -2.21 -2.89 -11.37
N ALA A 120 -2.20 -3.31 -10.07
CA ALA A 120 -1.97 -2.35 -8.99
C ALA A 120 -0.52 -1.91 -8.95
N LEU A 121 0.41 -2.83 -9.20
CA LEU A 121 1.83 -2.48 -9.18
C LEU A 121 2.24 -1.62 -10.35
N LYS A 122 1.61 -1.77 -11.50
CA LYS A 122 2.11 -1.09 -12.70
C LYS A 122 2.24 0.41 -12.51
N PRO A 123 1.23 1.14 -12.02
CA PRO A 123 1.41 2.59 -11.88
C PRO A 123 2.48 2.97 -10.89
N VAL A 124 2.68 2.16 -9.85
CA VAL A 124 3.65 2.47 -8.81
C VAL A 124 5.05 2.34 -9.35
N LEU A 125 5.31 1.20 -10.02
CA LEU A 125 6.63 0.94 -10.60
C LEU A 125 6.91 1.89 -11.75
N SER A 126 5.86 2.27 -12.48
CA SER A 126 6.02 3.23 -13.55
C SER A 126 6.31 4.60 -12.99
N ALA A 127 5.70 4.96 -11.84
CA ALA A 127 6.00 6.22 -11.16
C ALA A 127 7.46 6.28 -10.77
N LEU A 128 8.04 5.13 -10.38
CA LEU A 128 9.45 5.04 -10.00
C LEU A 128 10.37 4.96 -11.22
N LYS A 129 9.79 4.96 -12.42
CA LYS A 129 10.51 5.00 -13.69
C LYS A 129 11.21 3.68 -14.02
N ALA A 130 10.75 2.56 -13.49
CA ALA A 130 11.27 1.26 -13.91
C ALA A 130 11.49 1.19 -15.41
N GLN A 131 12.64 0.68 -15.80
CA GLN A 131 12.91 0.63 -17.24
C GLN A 131 12.14 -0.53 -17.89
N GLU A 132 12.01 -1.63 -17.19
CA GLU A 132 11.41 -2.83 -17.77
C GLU A 132 10.69 -3.55 -16.63
N ILE A 133 9.38 -3.69 -16.72
CA ILE A 133 8.62 -4.41 -15.72
C ILE A 133 8.25 -5.74 -16.34
N LEU A 134 8.76 -6.82 -15.78
CA LEU A 134 8.40 -8.13 -16.31
C LEU A 134 7.02 -8.54 -15.81
N HIS A 135 6.43 -9.51 -16.49
CA HIS A 135 5.12 -10.01 -16.09
C HIS A 135 5.17 -10.57 -14.70
N GLY A 136 4.09 -10.38 -13.97
CA GLY A 136 4.03 -10.87 -12.61
C GLY A 136 3.94 -12.40 -12.59
N VAL A 137 4.57 -12.97 -11.57
CA VAL A 137 4.65 -14.41 -11.39
C VAL A 137 3.96 -14.79 -10.09
N PHE A 138 2.92 -15.62 -10.20
CA PHE A 138 2.15 -16.06 -9.04
C PHE A 138 2.66 -17.38 -8.47
N ALA A 139 2.76 -17.42 -7.15
CA ALA A 139 3.06 -18.65 -6.42
C ALA A 139 1.91 -18.93 -5.47
N ASP A 140 1.25 -20.06 -5.68
CA ASP A 140 0.15 -20.43 -4.80
C ASP A 140 0.66 -20.84 -3.43
N ASP A 141 0.02 -20.34 -2.37
CA ASP A 141 0.41 -20.73 -1.01
C ASP A 141 0.50 -22.26 -0.84
N SER A 142 -0.32 -23.00 -1.56
CA SER A 142 -0.33 -24.46 -1.42
C SER A 142 0.87 -25.11 -2.09
N GLN A 143 1.56 -24.41 -2.96
CA GLN A 143 2.72 -24.98 -3.64
C GLN A 143 4.02 -24.60 -2.99
N VAL A 144 4.00 -23.75 -1.99
CA VAL A 144 5.18 -23.42 -1.20
C VAL A 144 5.10 -24.33 0.01
N ILE A 145 5.75 -25.48 -0.10
CA ILE A 145 5.49 -26.62 0.79
C ILE A 145 6.08 -26.35 2.17
N ASP A 146 7.23 -25.68 2.23
CA ASP A 146 7.82 -25.25 3.47
C ASP A 146 8.65 -24.01 3.19
N TYR A 147 8.49 -22.98 4.04
CA TYR A 147 9.23 -21.72 3.89
C TYR A 147 10.04 -21.34 5.12
N HIS A 148 10.18 -22.21 6.12
CA HIS A 148 10.99 -21.88 7.29
C HIS A 148 12.45 -22.27 7.13
N HIS A 149 12.71 -23.42 6.51
CA HIS A 149 14.05 -23.90 6.24
C HIS A 149 14.39 -23.57 4.79
N ARG A 150 15.32 -24.30 4.19
CA ARG A 150 15.52 -24.15 2.77
C ARG A 150 14.20 -24.35 2.05
N PRO A 151 13.86 -23.51 1.07
CA PRO A 151 12.55 -23.61 0.43
C PRO A 151 12.29 -25.00 -0.15
N GLN A 152 11.07 -25.49 0.05
CA GLN A 152 10.54 -26.61 -0.72
C GLN A 152 9.32 -26.12 -1.49
N PHE A 153 9.40 -26.22 -2.81
CA PHE A 153 8.31 -25.88 -3.70
C PHE A 153 7.92 -27.14 -4.47
N THR A 154 6.67 -27.18 -4.92
CA THR A 154 6.29 -28.23 -5.83
C THR A 154 7.12 -28.12 -7.10
N PRO A 155 7.28 -29.21 -7.85
CA PRO A 155 8.14 -29.14 -9.03
C PRO A 155 7.63 -28.19 -10.10
N ASN A 156 6.31 -28.06 -10.29
CA ASN A 156 5.74 -27.09 -11.23
C ASN A 156 6.15 -25.66 -10.85
N LEU A 157 6.09 -25.35 -9.57
CA LEU A 157 6.45 -24.00 -9.13
C LEU A 157 7.94 -23.74 -9.35
N GLN A 158 8.81 -24.69 -9.01
CA GLN A 158 10.24 -24.49 -9.26
C GLN A 158 10.49 -24.17 -10.72
N THR A 159 9.94 -24.98 -11.60
CA THR A 159 10.19 -24.80 -13.02
C THR A 159 9.73 -23.41 -13.46
N ARG A 160 8.56 -22.97 -12.97
CA ARG A 160 8.05 -21.66 -13.35
C ARG A 160 8.93 -20.54 -12.79
N LEU A 161 9.42 -20.70 -11.55
CA LEU A 161 10.34 -19.70 -10.99
C LEU A 161 11.65 -19.67 -11.76
N ASP A 162 12.22 -20.85 -12.06
CA ASP A 162 13.44 -20.90 -12.85
C ASP A 162 13.26 -20.21 -14.19
N THR A 163 12.14 -20.48 -14.87
CA THR A 163 11.88 -19.87 -16.15
C THR A 163 11.83 -18.34 -16.04
N ALA A 164 11.06 -17.82 -15.07
CA ALA A 164 10.98 -16.37 -14.90
C ALA A 164 12.33 -15.78 -14.55
N LEU A 165 13.12 -16.45 -13.70
CA LEU A 165 14.42 -15.89 -13.35
C LEU A 165 15.37 -15.92 -14.54
N GLU A 166 15.25 -16.91 -15.42
CA GLU A 166 16.07 -16.90 -16.63
C GLU A 166 15.68 -15.75 -17.55
N THR A 167 14.38 -15.44 -17.67
CA THR A 167 13.95 -14.24 -18.40
C THR A 167 14.55 -12.99 -17.80
N PHE A 168 14.50 -12.88 -16.47
CA PHE A 168 15.07 -11.74 -15.75
C PHE A 168 16.55 -11.60 -16.04
N TRP A 169 17.32 -12.68 -15.91
CA TRP A 169 18.74 -12.60 -16.24
C TRP A 169 18.97 -12.19 -17.69
N GLN A 170 18.25 -12.79 -18.63
CA GLN A 170 18.45 -12.38 -20.02
C GLN A 170 18.14 -10.90 -20.20
N ALA A 171 17.05 -10.42 -19.57
CA ALA A 171 16.73 -8.98 -19.63
C ALA A 171 17.86 -8.12 -19.09
N LEU A 172 18.51 -8.54 -17.99
CA LEU A 172 19.61 -7.77 -17.43
C LEU A 172 20.79 -7.81 -18.37
N HIS A 173 21.08 -9.00 -18.88
CA HIS A 173 22.28 -9.25 -19.67
C HIS A 173 22.20 -8.54 -21.01
N ARG A 174 21.02 -8.48 -21.60
CA ARG A 174 20.86 -7.69 -22.81
C ARG A 174 21.31 -6.25 -22.57
N ARG A 175 20.99 -5.70 -21.40
CA ARG A 175 21.32 -4.33 -21.09
C ARG A 175 22.73 -4.29 -20.53
N MET B 1 -26.83 7.92 13.99
CA MET B 1 -25.91 7.50 12.90
C MET B 1 -24.46 7.52 13.42
N ARG B 2 -23.63 6.61 12.91
CA ARG B 2 -22.25 6.53 13.37
C ARG B 2 -21.34 6.49 12.16
N VAL B 3 -20.27 7.30 12.20
CA VAL B 3 -19.34 7.41 11.07
C VAL B 3 -17.91 7.30 11.57
N ILE B 4 -17.10 6.52 10.87
CA ILE B 4 -15.67 6.43 11.12
C ILE B 4 -14.96 7.37 10.16
N THR B 5 -14.07 8.22 10.66
CA THR B 5 -13.15 8.94 9.80
C THR B 5 -11.75 8.36 9.99
N LEU B 6 -11.02 8.22 8.88
CA LEU B 6 -9.76 7.50 8.91
C LEU B 6 -8.74 8.28 8.09
N ALA B 7 -7.74 8.84 8.77
CA ALA B 7 -6.67 9.59 8.14
C ALA B 7 -5.54 8.65 7.77
N GLY B 8 -5.18 8.60 6.49
CA GLY B 8 -4.10 7.73 6.02
C GLY B 8 -2.76 8.38 5.81
N SER B 9 -2.58 9.66 6.17
CA SER B 9 -1.26 10.23 5.95
C SER B 9 -0.30 9.77 7.05
N PRO B 10 0.94 9.42 6.68
CA PRO B 10 1.93 9.07 7.72
C PRO B 10 2.27 10.22 8.61
N ARG B 11 2.05 11.44 8.17
CA ARG B 11 2.24 12.63 9.00
C ARG B 11 0.88 13.06 9.55
N PHE B 12 0.82 13.34 10.84
CA PHE B 12 -0.36 13.98 11.37
C PHE B 12 0.11 15.23 12.10
N PRO B 13 -0.47 16.41 11.82
CA PRO B 13 -1.54 16.67 10.85
C PRO B 13 -1.03 16.76 9.40
N SER B 14 -1.94 16.67 8.43
CA SER B 14 -1.58 16.75 7.03
C SER B 14 -2.74 17.39 6.29
N ARG B 15 -2.44 17.84 5.06
CA ARG B 15 -3.46 18.38 4.18
C ARG B 15 -4.66 17.45 4.06
N SER B 16 -4.43 16.15 3.87
CA SER B 16 -5.58 15.26 3.71
C SER B 16 -6.29 15.00 5.04
N SER B 17 -5.56 14.97 6.16
CA SER B 17 -6.25 14.87 7.44
C SER B 17 -7.10 16.12 7.74
N SER B 18 -6.77 17.26 7.15
CA SER B 18 -7.56 18.44 7.44
C SER B 18 -8.97 18.26 6.90
N LEU B 19 -9.11 17.50 5.80
CA LEU B 19 -10.42 17.26 5.24
C LEU B 19 -11.31 16.52 6.22
N LEU B 20 -10.74 15.59 6.98
CA LEU B 20 -11.55 14.79 7.91
C LEU B 20 -11.93 15.57 9.14
N GLU B 21 -11.08 16.51 9.55
CA GLU B 21 -11.44 17.39 10.64
C GLU B 21 -12.61 18.28 10.26
N TYR B 22 -12.61 18.84 9.05
CA TYR B 22 -13.80 19.53 8.60
C TYR B 22 -14.97 18.57 8.54
N ALA B 23 -14.76 17.40 7.94
CA ALA B 23 -15.83 16.41 7.88
C ALA B 23 -16.44 16.15 9.26
N ARG B 24 -15.60 16.02 10.28
CA ARG B 24 -16.08 15.69 11.62
C ARG B 24 -16.92 16.82 12.18
N GLU B 25 -16.44 18.05 12.00
CA GLU B 25 -17.23 19.22 12.33
C GLU B 25 -18.60 19.19 11.66
N LYS B 26 -18.62 19.05 10.33
CA LYS B 26 -19.85 19.05 9.57
C LYS B 26 -20.81 17.97 10.05
N LEU B 27 -20.33 16.75 10.19
CA LEU B 27 -21.17 15.64 10.65
C LEU B 27 -21.65 15.84 12.08
N ASN B 28 -20.80 16.34 12.96
CA ASN B 28 -21.23 16.55 14.34
C ASN B 28 -22.41 17.53 14.41
N GLY B 29 -22.41 18.53 13.53
CA GLY B 29 -23.50 19.49 13.46
C GLY B 29 -24.80 18.89 12.97
N LEU B 30 -24.73 17.75 12.27
CA LEU B 30 -25.89 16.97 11.90
C LEU B 30 -26.21 15.88 12.90
N ASP B 31 -25.55 15.90 14.05
CA ASP B 31 -25.78 14.96 15.15
C ASP B 31 -25.35 13.53 14.79
N VAL B 32 -24.25 13.40 14.04
CA VAL B 32 -23.59 12.10 13.85
C VAL B 32 -22.58 11.89 14.97
N GLU B 33 -22.55 10.68 15.52
CA GLU B 33 -21.42 10.20 16.30
C GLU B 33 -20.25 9.85 15.38
N VAL B 34 -19.16 10.60 15.47
CA VAL B 34 -17.97 10.40 14.65
C VAL B 34 -16.87 9.77 15.50
N TYR B 35 -16.36 8.62 15.07
CA TYR B 35 -15.14 8.04 15.63
C TYR B 35 -13.99 8.36 14.69
N HIS B 36 -13.05 9.18 15.13
CA HIS B 36 -11.99 9.65 14.24
C HIS B 36 -10.70 8.97 14.62
N TRP B 37 -10.02 8.42 13.62
CA TRP B 37 -8.79 7.67 13.79
C TRP B 37 -7.72 8.21 12.86
N ASN B 38 -6.47 8.09 13.28
CA ASN B 38 -5.35 8.32 12.37
C ASN B 38 -4.28 7.26 12.69
N LEU B 39 -3.16 7.28 11.96
CA LEU B 39 -2.28 6.12 12.06
C LEU B 39 -1.41 6.16 13.30
N GLN B 40 -1.35 7.31 13.96
CA GLN B 40 -0.72 7.45 15.26
C GLN B 40 -1.48 6.72 16.35
N ASN B 41 -2.74 6.33 16.13
CA ASN B 41 -3.49 5.60 17.15
C ASN B 41 -3.20 4.11 17.14
N PHE B 42 -2.23 3.66 16.35
CA PHE B 42 -1.82 2.28 16.35
C PHE B 42 -0.33 2.19 16.59
N ALA B 43 0.08 1.06 17.11
CA ALA B 43 1.50 0.73 17.21
C ALA B 43 2.06 0.37 15.84
N PRO B 44 3.03 1.10 15.32
CA PRO B 44 3.51 0.82 13.95
C PRO B 44 3.92 -0.61 13.73
N GLU B 45 4.56 -1.25 14.72
CA GLU B 45 4.93 -2.65 14.55
C GLU B 45 3.71 -3.55 14.36
N ASP B 46 2.56 -3.18 14.94
CA ASP B 46 1.33 -3.96 14.76
C ASP B 46 0.83 -3.86 13.33
N LEU B 47 0.94 -2.68 12.73
CA LEU B 47 0.51 -2.53 11.35
C LEU B 47 1.50 -3.20 10.41
N LEU B 48 2.78 -2.83 10.49
CA LEU B 48 3.78 -3.34 9.56
C LEU B 48 3.90 -4.86 9.60
N TYR B 49 3.68 -5.48 10.76
CA TYR B 49 3.89 -6.91 10.93
C TYR B 49 2.56 -7.64 11.05
N ALA B 50 1.47 -6.95 10.75
CA ALA B 50 0.19 -7.62 10.58
C ALA B 50 -0.18 -8.38 11.84
N ARG B 51 -0.16 -7.70 12.98
CA ARG B 51 -0.43 -8.34 14.27
C ARG B 51 -1.91 -8.23 14.57
N PHE B 52 -2.62 -9.33 14.36
CA PHE B 52 -4.06 -9.32 14.49
C PHE B 52 -4.51 -9.31 15.95
N ASP B 53 -3.58 -9.50 16.90
CA ASP B 53 -3.87 -9.30 18.31
C ASP B 53 -3.91 -7.83 18.72
N SER B 54 -3.45 -6.92 17.87
CA SER B 54 -3.38 -5.51 18.22
C SER B 54 -4.64 -5.09 18.95
N PRO B 55 -4.52 -4.53 20.16
CA PRO B 55 -5.71 -4.00 20.84
C PRO B 55 -6.36 -2.81 20.12
N ALA B 56 -5.57 -1.86 19.64
CA ALA B 56 -6.12 -0.74 18.88
C ALA B 56 -6.84 -1.22 17.61
N LEU B 57 -6.28 -2.21 16.91
CA LEU B 57 -7.00 -2.78 15.77
C LEU B 57 -8.33 -3.37 16.20
N LYS B 58 -8.35 -4.11 17.31
CA LYS B 58 -9.62 -4.62 17.80
C LYS B 58 -10.62 -3.48 18.05
N THR B 59 -10.19 -2.42 18.74
CA THR B 59 -11.09 -1.29 18.98
C THR B 59 -11.58 -0.72 17.66
N PHE B 60 -10.67 -0.53 16.71
CA PHE B 60 -11.05 0.08 15.45
C PHE B 60 -12.07 -0.79 14.72
N THR B 61 -11.83 -2.10 14.67
CA THR B 61 -12.72 -3.01 13.97
C THR B 61 -14.11 -3.05 14.61
N GLU B 62 -14.17 -2.91 15.94
CA GLU B 62 -15.44 -2.85 16.64
C GLU B 62 -16.21 -1.58 16.26
N GLN B 63 -15.52 -0.45 16.33
CA GLN B 63 -16.17 0.81 15.99
C GLN B 63 -16.62 0.82 14.52
N LEU B 64 -15.80 0.29 13.60
CA LEU B 64 -16.20 0.22 12.18
C LEU B 64 -17.44 -0.66 11.99
N GLN B 65 -17.48 -1.83 12.64
CA GLN B 65 -18.67 -2.69 12.61
C GLN B 65 -19.94 -1.89 12.87
N GLN B 66 -19.89 -0.99 13.84
CA GLN B 66 -21.05 -0.25 14.27
C GLN B 66 -21.31 0.99 13.44
N ALA B 67 -20.38 1.36 12.57
CA ALA B 67 -20.55 2.59 11.82
C ALA B 67 -21.41 2.32 10.61
N ASP B 68 -22.18 3.32 10.23
CA ASP B 68 -22.97 3.27 9.01
C ASP B 68 -22.17 3.70 7.77
N GLY B 69 -21.07 4.45 7.98
CA GLY B 69 -20.29 4.98 6.89
C GLY B 69 -18.85 5.21 7.30
N LEU B 70 -17.97 5.23 6.29
CA LEU B 70 -16.54 5.50 6.42
C LEU B 70 -16.15 6.66 5.54
N ILE B 71 -15.39 7.59 6.10
CA ILE B 71 -14.69 8.62 5.35
C ILE B 71 -13.19 8.37 5.52
N VAL B 72 -12.48 8.17 4.40
CA VAL B 72 -11.06 7.80 4.39
C VAL B 72 -10.31 8.81 3.52
N ALA B 73 -9.21 9.32 4.04
CA ALA B 73 -8.43 10.35 3.37
C ALA B 73 -6.99 9.85 3.23
N THR B 74 -6.38 10.12 2.09
CA THR B 74 -5.00 9.72 1.87
C THR B 74 -4.32 10.78 1.02
N PRO B 75 -3.02 10.97 1.23
CA PRO B 75 -2.21 11.65 0.22
C PRO B 75 -1.93 10.71 -0.94
N VAL B 76 -1.38 11.26 -2.02
CA VAL B 76 -0.98 10.45 -3.17
C VAL B 76 0.52 10.22 -3.11
N TYR B 77 0.94 8.97 -2.97
CA TYR B 77 2.34 8.55 -3.07
C TYR B 77 2.55 7.53 -4.19
N LYS B 78 3.57 7.73 -5.00
CA LYS B 78 3.87 6.82 -6.12
C LYS B 78 2.61 6.42 -6.88
N ALA B 79 1.78 7.41 -7.15
CA ALA B 79 0.62 7.29 -8.00
C ALA B 79 -0.44 6.37 -7.40
N ALA B 80 -0.50 6.34 -6.08
CA ALA B 80 -1.48 5.51 -5.40
C ALA B 80 -1.74 6.12 -4.03
N TYR B 81 -2.58 5.42 -3.25
CA TYR B 81 -2.81 5.70 -1.84
C TYR B 81 -1.53 5.42 -1.07
N SER B 82 -1.46 5.91 0.17
CA SER B 82 -0.28 5.69 0.98
C SER B 82 -0.19 4.24 1.40
N GLY B 83 1.04 3.72 1.36
CA GLY B 83 1.29 2.42 1.96
C GLY B 83 0.80 2.35 3.39
N ALA B 84 0.95 3.44 4.14
CA ALA B 84 0.61 3.41 5.56
C ALA B 84 -0.88 3.16 5.75
N LEU B 85 -1.71 3.84 4.99
CA LEU B 85 -3.15 3.56 5.00
C LEU B 85 -3.43 2.12 4.64
N LYS B 86 -2.77 1.61 3.60
CA LYS B 86 -3.02 0.23 3.18
C LYS B 86 -2.63 -0.79 4.26
N THR B 87 -1.60 -0.54 5.08
CA THR B 87 -1.25 -1.53 6.10
C THR B 87 -2.42 -1.79 7.05
N LEU B 88 -3.23 -0.77 7.33
CA LEU B 88 -4.41 -0.92 8.17
C LEU B 88 -5.57 -1.57 7.41
N LEU B 89 -5.86 -1.11 6.19
CA LEU B 89 -6.90 -1.77 5.40
C LEU B 89 -6.60 -3.25 5.23
N ASP B 90 -5.33 -3.62 5.13
CA ASP B 90 -4.99 -5.03 4.96
C ASP B 90 -5.37 -5.88 6.17
N LEU B 91 -5.46 -5.29 7.36
CA LEU B 91 -5.81 -6.04 8.56
C LEU B 91 -7.29 -6.07 8.86
N LEU B 92 -8.13 -5.51 7.99
CA LEU B 92 -9.57 -5.53 8.23
C LEU B 92 -10.17 -6.82 7.73
N PRO B 93 -11.32 -7.24 8.28
CA PRO B 93 -11.97 -8.46 7.80
C PRO B 93 -12.43 -8.33 6.36
N GLU B 94 -12.53 -9.48 5.67
CA GLU B 94 -12.59 -9.48 4.20
C GLU B 94 -13.81 -8.78 3.68
N ARG B 95 -14.89 -8.74 4.46
CA ARG B 95 -16.13 -8.08 4.09
C ARG B 95 -16.41 -6.90 5.01
N ALA B 96 -15.35 -6.18 5.44
CA ALA B 96 -15.52 -5.22 6.52
C ALA B 96 -16.45 -4.05 6.16
N LEU B 97 -16.51 -3.67 4.88
CA LEU B 97 -17.32 -2.53 4.45
C LEU B 97 -18.69 -2.90 3.93
N GLN B 98 -19.09 -4.16 4.05
CA GLN B 98 -20.40 -4.58 3.55
C GLN B 98 -21.53 -3.82 4.24
N GLY B 99 -22.52 -3.40 3.46
CA GLY B 99 -23.59 -2.57 4.01
C GLY B 99 -23.20 -1.15 4.37
N LYS B 100 -22.02 -0.67 3.99
CA LYS B 100 -21.56 0.63 4.42
C LYS B 100 -21.30 1.53 3.22
N VAL B 101 -21.49 2.86 3.43
CA VAL B 101 -21.17 3.89 2.44
C VAL B 101 -19.78 4.41 2.72
N VAL B 102 -18.98 4.65 1.67
CA VAL B 102 -17.61 5.16 1.80
C VAL B 102 -17.44 6.42 1.00
N LEU B 103 -16.81 7.41 1.62
CA LEU B 103 -16.45 8.67 0.99
C LEU B 103 -14.95 8.75 0.98
N PRO B 104 -14.31 8.56 -0.18
CA PRO B 104 -12.86 8.74 -0.29
C PRO B 104 -12.45 10.19 -0.57
N LEU B 105 -11.39 10.59 0.10
CA LEU B 105 -10.84 11.92 -0.08
C LEU B 105 -9.35 11.81 -0.30
N ALA B 106 -8.80 12.72 -1.08
CA ALA B 106 -7.37 12.62 -1.32
C ALA B 106 -6.80 13.97 -1.73
N THR B 107 -5.55 14.15 -1.41
CA THR B 107 -4.84 15.35 -1.82
C THR B 107 -3.55 14.94 -2.50
N GLY B 108 -3.19 15.66 -3.55
CA GLY B 108 -1.96 15.39 -4.27
C GLY B 108 -1.63 16.55 -5.17
N GLY B 109 -0.51 16.42 -5.90
CA GLY B 109 0.04 17.53 -6.64
C GLY B 109 -0.57 17.76 -8.00
N THR B 110 -0.77 16.69 -8.78
CA THR B 110 -1.23 16.83 -10.14
C THR B 110 -2.57 16.16 -10.36
N VAL B 111 -3.16 16.50 -11.50
CA VAL B 111 -4.42 15.93 -11.92
C VAL B 111 -4.24 14.47 -12.28
N ALA B 112 -3.11 14.13 -12.88
CA ALA B 112 -2.80 12.72 -13.15
C ALA B 112 -2.76 11.91 -11.85
N HIS B 113 -2.25 12.53 -10.78
CA HIS B 113 -2.10 11.82 -9.52
C HIS B 113 -3.40 11.70 -8.77
N LEU B 114 -4.27 12.71 -8.86
CA LEU B 114 -5.59 12.57 -8.27
C LEU B 114 -6.38 11.50 -8.98
N LEU B 115 -6.18 11.35 -10.29
CA LEU B 115 -6.84 10.26 -11.01
C LEU B 115 -6.26 8.91 -10.61
N ALA B 116 -4.94 8.83 -10.47
CA ALA B 116 -4.32 7.55 -10.16
C ALA B 116 -4.77 7.05 -8.77
N VAL B 117 -4.85 7.94 -7.79
CA VAL B 117 -5.22 7.51 -6.44
C VAL B 117 -6.67 7.09 -6.41
N ASP B 118 -7.50 7.67 -7.27
CA ASP B 118 -8.89 7.27 -7.38
C ASP B 118 -9.01 5.86 -7.95
N ALA B 119 -8.29 5.59 -9.04
CA ALA B 119 -8.31 4.27 -9.65
C ALA B 119 -7.69 3.21 -8.73
N ALA B 120 -6.71 3.60 -7.90
CA ALA B 120 -6.07 2.68 -6.95
C ALA B 120 -6.99 2.35 -5.79
N LEU B 121 -7.67 3.35 -5.25
CA LEU B 121 -8.35 3.19 -3.97
C LEU B 121 -9.66 2.43 -4.12
N LYS B 122 -10.36 2.63 -5.24
CA LYS B 122 -11.72 2.10 -5.34
C LYS B 122 -11.73 0.57 -5.38
N PRO B 123 -10.79 -0.09 -6.06
CA PRO B 123 -10.73 -1.57 -6.00
C PRO B 123 -10.43 -2.15 -4.63
N VAL B 124 -9.66 -1.42 -3.81
CA VAL B 124 -9.43 -1.88 -2.44
C VAL B 124 -10.72 -1.79 -1.64
N LEU B 125 -11.48 -0.68 -1.82
CA LEU B 125 -12.75 -0.53 -1.14
C LEU B 125 -13.79 -1.49 -1.71
N SER B 126 -13.69 -1.85 -2.99
CA SER B 126 -14.57 -2.88 -3.54
C SER B 126 -14.24 -4.26 -2.99
N ALA B 127 -12.95 -4.58 -2.85
CA ALA B 127 -12.56 -5.86 -2.27
C ALA B 127 -13.10 -6.03 -0.86
N LEU B 128 -13.18 -4.93 -0.12
CA LEU B 128 -13.75 -4.91 1.20
C LEU B 128 -15.29 -4.93 1.19
N LYS B 129 -15.93 -4.91 0.02
CA LYS B 129 -17.36 -5.12 -0.17
C LYS B 129 -18.16 -3.87 0.19
N ALA B 130 -17.56 -2.69 0.03
CA ALA B 130 -18.27 -1.43 0.26
C ALA B 130 -19.59 -1.42 -0.49
N GLN B 131 -20.66 -1.01 0.20
CA GLN B 131 -21.96 -1.04 -0.46
C GLN B 131 -22.07 0.06 -1.50
N GLU B 132 -21.47 1.21 -1.24
CA GLU B 132 -21.52 2.32 -2.17
C GLU B 132 -20.29 3.18 -1.94
N ILE B 133 -19.56 3.44 -2.99
CA ILE B 133 -18.35 4.27 -2.94
C ILE B 133 -18.70 5.58 -3.63
N LEU B 134 -18.69 6.66 -2.87
CA LEU B 134 -19.05 7.94 -3.47
C LEU B 134 -17.94 8.40 -4.42
N HIS B 135 -18.34 9.30 -5.32
CA HIS B 135 -17.41 9.87 -6.27
C HIS B 135 -16.14 10.37 -5.61
N GLY B 136 -16.25 11.08 -4.49
CA GLY B 136 -15.07 11.48 -3.76
C GLY B 136 -14.65 12.92 -4.04
N VAL B 137 -13.71 13.40 -3.22
CA VAL B 137 -13.12 14.72 -3.34
C VAL B 137 -11.62 14.54 -3.46
N PHE B 138 -11.09 14.85 -4.63
CA PHE B 138 -9.69 14.69 -4.94
C PHE B 138 -9.14 16.08 -5.22
N ALA B 139 -8.44 16.64 -4.23
CA ALA B 139 -8.07 18.04 -4.21
C ALA B 139 -6.58 18.24 -4.45
N ASP B 140 -6.26 19.31 -5.18
CA ASP B 140 -4.88 19.71 -5.36
C ASP B 140 -4.35 20.29 -4.04
N ASP B 141 -3.15 19.87 -3.64
CA ASP B 141 -2.56 20.31 -2.38
C ASP B 141 -2.74 21.81 -2.14
N SER B 142 -2.65 22.61 -3.20
CA SER B 142 -2.74 24.05 -3.04
C SER B 142 -4.13 24.50 -2.61
N GLN B 143 -5.13 23.62 -2.73
CA GLN B 143 -6.49 23.94 -2.33
C GLN B 143 -6.63 24.00 -0.81
N VAL B 144 -5.66 23.46 -0.10
CA VAL B 144 -5.66 23.50 1.36
C VAL B 144 -4.73 24.65 1.75
N ILE B 145 -5.34 25.71 2.29
CA ILE B 145 -4.62 26.88 2.78
C ILE B 145 -3.98 26.58 4.12
N ASP B 146 -4.78 26.15 5.08
CA ASP B 146 -4.31 25.94 6.45
C ASP B 146 -4.77 24.56 6.90
N TYR B 147 -3.83 23.73 7.35
CA TYR B 147 -4.19 22.41 7.87
C TYR B 147 -3.74 22.22 9.31
N HIS B 148 -3.16 23.26 9.91
CA HIS B 148 -3.15 23.44 11.35
C HIS B 148 -4.33 24.34 11.75
N HIS B 149 -4.65 24.37 13.04
CA HIS B 149 -5.76 25.21 13.49
C HIS B 149 -7.08 24.72 12.92
N ARG B 150 -8.08 25.57 12.86
CA ARG B 150 -9.29 25.14 12.19
C ARG B 150 -9.01 25.11 10.70
N PRO B 151 -9.26 24.00 10.00
CA PRO B 151 -8.82 23.89 8.61
C PRO B 151 -9.47 24.95 7.73
N GLN B 152 -8.68 25.47 6.79
CA GLN B 152 -9.09 26.46 5.82
C GLN B 152 -8.85 25.93 4.40
N PHE B 153 -9.85 26.04 3.53
CA PHE B 153 -9.76 25.56 2.16
C PHE B 153 -10.10 26.69 1.19
N THR B 154 -9.76 26.49 -0.08
CA THR B 154 -10.24 27.41 -1.10
C THR B 154 -11.75 27.32 -1.19
N PRO B 155 -12.41 28.38 -1.64
CA PRO B 155 -13.87 28.31 -1.79
C PRO B 155 -14.29 27.13 -2.63
N ASN B 156 -13.59 26.86 -3.72
CA ASN B 156 -14.03 25.79 -4.60
C ASN B 156 -13.90 24.43 -3.89
N LEU B 157 -12.83 24.22 -3.13
CA LEU B 157 -12.71 22.96 -2.39
C LEU B 157 -13.72 22.91 -1.23
N GLN B 158 -13.92 24.03 -0.52
CA GLN B 158 -14.95 24.06 0.52
C GLN B 158 -16.29 23.57 -0.02
N THR B 159 -16.66 24.04 -1.21
CA THR B 159 -17.97 23.70 -1.77
C THR B 159 -18.04 22.22 -2.16
N ARG B 160 -16.98 21.69 -2.73
CA ARG B 160 -16.98 20.27 -3.08
C ARG B 160 -17.05 19.42 -1.82
N LEU B 161 -16.39 19.85 -0.76
CA LEU B 161 -16.44 19.07 0.48
C LEU B 161 -17.84 19.08 1.05
N ASP B 162 -18.44 20.27 1.15
CA ASP B 162 -19.79 20.37 1.72
C ASP B 162 -20.79 19.53 0.91
N THR B 163 -20.73 19.66 -0.40
CA THR B 163 -21.60 18.87 -1.27
C THR B 163 -21.43 17.38 -1.07
N ALA B 164 -20.17 16.92 -1.03
CA ALA B 164 -19.97 15.49 -0.86
C ALA B 164 -20.45 15.03 0.53
N LEU B 165 -20.26 15.86 1.56
CA LEU B 165 -20.69 15.41 2.89
C LEU B 165 -22.21 15.32 2.98
N GLU B 166 -22.94 16.24 2.33
CA GLU B 166 -24.40 16.13 2.30
C GLU B 166 -24.86 14.87 1.57
N THR B 167 -24.25 14.58 0.42
CA THR B 167 -24.49 13.33 -0.29
C THR B 167 -24.25 12.13 0.62
N PHE B 168 -23.12 12.15 1.35
CA PHE B 168 -22.78 11.07 2.28
C PHE B 168 -23.82 10.96 3.39
N TRP B 169 -24.19 12.08 4.01
CA TRP B 169 -25.23 12.02 5.06
C TRP B 169 -26.53 11.46 4.50
N GLN B 170 -26.93 11.91 3.31
CA GLN B 170 -28.13 11.36 2.68
C GLN B 170 -28.03 9.86 2.50
N ALA B 171 -26.88 9.39 1.98
CA ALA B 171 -26.72 7.97 1.69
C ALA B 171 -26.83 7.13 2.96
N LEU B 172 -26.32 7.65 4.08
CA LEU B 172 -26.58 7.01 5.36
C LEU B 172 -28.08 7.03 5.70
N HIS B 173 -28.76 8.10 5.29
CA HIS B 173 -30.14 8.45 5.67
C HIS B 173 -30.09 9.20 6.98
S SO4 C . 3.03 -14.92 3.79
O1 SO4 C . 2.27 -14.70 5.03
O2 SO4 C . 3.52 -13.62 3.35
O3 SO4 C . 2.20 -15.42 2.71
O4 SO4 C . 4.09 -15.88 4.10
#